data_5M5A
#
_entry.id   5M5A
#
_cell.length_a   63.282
_cell.length_b   91.206
_cell.length_c   59.649
_cell.angle_alpha   90.00
_cell.angle_beta   90.00
_cell.angle_gamma   90.00
#
_symmetry.space_group_name_H-M   'P 21 21 21'
#
loop_
_entity.id
_entity.type
_entity.pdbx_description
1 polymer 'Maternal embryonic leucine zipper kinase'
2 non-polymer 'SODIUM ION'
3 non-polymer 'CHLORIDE ION'
4 non-polymer K-252A
5 water water
#
_entity_poly.entity_id   1
_entity_poly.type   'polypeptide(L)'
_entity_poly.pdbx_seq_one_letter_code
;GPKDYDELLKYYELHETIGTGGFAKVKLACHILTGEMVAIKIMDKNTLGSDLPRIKTEIEALKNLRHQHICQLYHVLETA
NKIFMVLEYCPGGELFDYIISQDRLSEEETRVVFRQIVSAVAYVHSQGYAHRDLKPENLLFDEYHKLKLIDFGLCAKPKG
NKDYHLQTCCGSLAYAAPELIQGKSYLGSEADVWSMGILLYVLMCGFLPFDDDNVMALYKKIMRGKYDVPKWLSPSSILL
LQQMLQVDPKKRISMKNLLNHPWIMQDYNYPVEWQSKNPFIHLDDDCVTELSVHHRNNRQTMEDLISLWQYDHLTATYLL
LLAKKARGKPVRLRLSSFSCGHHHHHH
;
_entity_poly.pdbx_strand_id   A
#
# COMPACT_ATOMS: atom_id res chain seq x y z
N LYS A 3 -13.65 -13.51 23.07
CA LYS A 3 -15.06 -13.14 22.75
C LYS A 3 -15.11 -12.46 21.39
N ASP A 4 -14.35 -11.37 21.26
CA ASP A 4 -14.19 -10.68 19.98
C ASP A 4 -13.52 -11.60 18.98
N TYR A 5 -12.55 -12.33 19.46
CA TYR A 5 -11.81 -13.28 18.64
C TYR A 5 -12.61 -14.53 18.24
N ASP A 6 -13.70 -14.81 18.94
CA ASP A 6 -14.53 -15.95 18.55
C ASP A 6 -15.00 -15.80 17.12
N GLU A 7 -15.46 -14.62 16.76
CA GLU A 7 -15.92 -14.41 15.39
C GLU A 7 -14.79 -14.67 14.36
N LEU A 8 -13.60 -14.11 14.61
CA LEU A 8 -12.48 -14.25 13.67
C LEU A 8 -11.97 -15.68 13.55
N LEU A 9 -11.90 -16.35 14.70
CA LEU A 9 -11.39 -17.71 14.80
C LEU A 9 -12.33 -18.80 14.20
N LYS A 10 -13.59 -18.43 13.85
CA LYS A 10 -14.40 -19.26 12.97
C LYS A 10 -13.71 -19.50 11.62
N TYR A 11 -13.02 -18.49 11.11
CA TYR A 11 -12.54 -18.48 9.72
C TYR A 11 -11.01 -18.47 9.56
N TYR A 12 -10.28 -18.07 10.59
CA TYR A 12 -8.81 -17.93 10.50
C TYR A 12 -8.14 -18.64 11.67
N GLU A 13 -7.01 -19.30 11.41
CA GLU A 13 -6.01 -19.69 12.44
C GLU A 13 -5.04 -18.52 12.57
N LEU A 14 -4.89 -18.00 13.78
CA LEU A 14 -4.03 -16.83 14.04
C LEU A 14 -2.62 -17.25 14.36
N HIS A 15 -1.63 -16.63 13.72
CA HIS A 15 -0.25 -16.86 14.06
C HIS A 15 0.30 -15.60 14.70
N GLU A 16 1.60 -15.39 14.54
CA GLU A 16 2.34 -14.39 15.29
C GLU A 16 2.02 -12.97 14.79
N THR A 17 2.14 -12.02 15.71
CA THR A 17 2.20 -10.61 15.39
C THR A 17 3.38 -10.35 14.48
N ILE A 18 3.14 -9.65 13.37
CA ILE A 18 4.20 -9.32 12.43
C ILE A 18 4.52 -7.82 12.39
N GLY A 19 3.70 -7.00 13.05
CA GLY A 19 4.01 -5.58 13.18
C GLY A 19 2.95 -4.83 13.95
N THR A 20 3.33 -3.67 14.46
CA THR A 20 2.40 -2.78 15.16
C THR A 20 2.61 -1.36 14.67
N GLY A 21 1.51 -0.69 14.32
CA GLY A 21 1.55 0.59 13.64
C GLY A 21 0.50 1.51 14.19
N GLY A 22 0.90 2.33 15.14
CA GLY A 22 0.04 3.37 15.68
C GLY A 22 -1.18 2.74 16.30
N PHE A 23 -2.28 2.75 15.54
CA PHE A 23 -3.58 2.33 16.08
C PHE A 23 -4.00 0.90 15.69
N ALA A 24 -3.04 0.01 15.45
CA ALA A 24 -3.35 -1.37 15.07
C ALA A 24 -2.19 -2.33 15.31
N LYS A 25 -2.51 -3.61 15.50
CA LYS A 25 -1.50 -4.65 15.40
C LYS A 25 -1.91 -5.52 14.24
N VAL A 26 -0.94 -6.12 13.58
CA VAL A 26 -1.17 -6.95 12.42
C VAL A 26 -0.60 -8.30 12.74
N LYS A 27 -1.40 -9.34 12.52
CA LYS A 27 -0.97 -10.70 12.76
C LYS A 27 -1.03 -11.49 11.50
N LEU A 28 -0.08 -12.40 11.37
CA LEU A 28 -0.14 -13.42 10.35
C LEU A 28 -1.25 -14.41 10.69
N ALA A 29 -1.93 -14.88 9.64
CA ALA A 29 -3.02 -15.82 9.80
C ALA A 29 -3.22 -16.64 8.56
N CYS A 30 -4.00 -17.71 8.71
CA CYS A 30 -4.33 -18.57 7.60
C CYS A 30 -5.86 -18.65 7.50
N HIS A 31 -6.36 -18.46 6.30
CA HIS A 31 -7.76 -18.59 6.01
C HIS A 31 -8.07 -20.09 5.88
N ILE A 32 -8.84 -20.59 6.85
CA ILE A 32 -9.11 -22.03 6.98
C ILE A 32 -9.63 -22.65 5.69
N LEU A 33 -10.61 -22.04 5.01
CA LEU A 33 -11.20 -22.69 3.84
C LEU A 33 -10.30 -22.83 2.61
N THR A 34 -9.40 -21.88 2.37
CA THR A 34 -8.54 -21.89 1.15
C THR A 34 -7.10 -22.29 1.45
N GLY A 35 -6.74 -22.39 2.72
CA GLY A 35 -5.34 -22.54 3.09
C GLY A 35 -4.42 -21.37 2.78
N GLU A 36 -4.95 -20.21 2.39
CA GLU A 36 -4.11 -19.04 2.08
C GLU A 36 -3.69 -18.28 3.32
N MET A 37 -2.44 -17.85 3.35
CA MET A 37 -1.97 -16.97 4.40
C MET A 37 -2.53 -15.55 4.17
N VAL A 38 -2.85 -14.85 5.24
CA VAL A 38 -3.39 -13.52 5.15
C VAL A 38 -2.75 -12.72 6.26
N ALA A 39 -2.96 -11.39 6.24
CA ALA A 39 -2.53 -10.45 7.31
C ALA A 39 -3.76 -9.81 7.92
N ILE A 40 -3.94 -9.94 9.23
CA ILE A 40 -5.12 -9.40 9.88
C ILE A 40 -4.75 -8.18 10.69
N LYS A 41 -5.27 -7.04 10.27
CA LYS A 41 -5.16 -5.80 11.00
C LYS A 41 -6.25 -5.74 12.05
N ILE A 42 -5.81 -5.62 13.31
CA ILE A 42 -6.71 -5.67 14.45
C ILE A 42 -6.69 -4.31 15.13
N MET A 43 -7.86 -3.72 15.31
CA MET A 43 -8.00 -2.42 15.97
C MET A 43 -9.07 -2.52 17.05
N ASP A 44 -8.81 -1.90 18.20
CA ASP A 44 -9.77 -1.85 19.30
C ASP A 44 -10.61 -0.58 19.17
N LYS A 45 -11.93 -0.73 19.07
CA LYS A 45 -12.82 0.41 18.82
C LYS A 45 -12.76 1.41 19.95
N ASN A 46 -12.64 0.89 21.18
CA ASN A 46 -12.66 1.71 22.38
C ASN A 46 -11.39 2.55 22.49
N THR A 47 -10.22 1.91 22.35
CA THR A 47 -8.95 2.67 22.34
C THR A 47 -8.91 3.47 21.02
N LEU A 48 -8.66 4.76 21.11
CA LEU A 48 -8.77 5.67 19.97
C LEU A 48 -10.12 5.47 19.27
N GLY A 49 -11.15 5.98 19.95
CA GLY A 49 -12.54 5.93 19.49
C GLY A 49 -12.88 7.07 18.55
N SER A 50 -12.31 8.25 18.76
CA SER A 50 -12.51 9.41 17.86
C SER A 50 -11.82 9.25 16.50
N ASP A 51 -10.78 8.41 16.42
CA ASP A 51 -10.17 8.04 15.13
C ASP A 51 -11.06 7.15 14.26
N LEU A 52 -11.99 6.41 14.89
CA LEU A 52 -12.84 5.43 14.20
C LEU A 52 -13.50 5.85 12.87
N PRO A 53 -13.90 7.14 12.74
CA PRO A 53 -14.26 7.72 11.44
C PRO A 53 -13.18 7.62 10.33
N ARG A 54 -11.92 7.90 10.66
CA ARG A 54 -10.80 7.74 9.71
C ARG A 54 -10.46 6.28 9.41
N ILE A 55 -10.76 5.39 10.35
CA ILE A 55 -10.72 3.96 10.10
C ILE A 55 -11.83 3.60 9.11
N LYS A 56 -13.03 4.08 9.37
CA LYS A 56 -14.19 3.69 8.56
C LYS A 56 -14.05 4.15 7.11
N THR A 57 -13.39 5.29 6.87
CA THR A 57 -13.16 5.80 5.52
C THR A 57 -11.89 5.17 4.89
N GLU A 58 -10.88 4.86 5.69
CA GLU A 58 -9.80 4.01 5.21
C GLU A 58 -10.37 2.72 4.61
N ILE A 59 -11.38 2.15 5.27
CA ILE A 59 -11.94 0.87 4.84
C ILE A 59 -12.67 1.07 3.53
N GLU A 60 -13.45 2.13 3.41
CA GLU A 60 -14.23 2.31 2.16
C GLU A 60 -13.33 2.69 1.00
N ALA A 61 -12.27 3.46 1.26
CA ALA A 61 -11.24 3.70 0.25
C ALA A 61 -10.65 2.39 -0.32
N LEU A 62 -10.21 1.52 0.58
CA LEU A 62 -9.69 0.23 0.19
C LEU A 62 -10.67 -0.62 -0.59
N LYS A 63 -11.96 -0.50 -0.31
CA LYS A 63 -12.95 -1.24 -1.10
C LYS A 63 -13.02 -0.73 -2.54
N ASN A 64 -12.65 0.52 -2.77
CA ASN A 64 -12.58 1.10 -4.13
C ASN A 64 -11.19 1.12 -4.76
N LEU A 65 -10.25 0.37 -4.19
CA LEU A 65 -8.93 0.28 -4.77
C LEU A 65 -8.70 -1.17 -5.09
N ARG A 66 -8.38 -1.41 -6.35
CA ARG A 66 -8.07 -2.73 -6.83
C ARG A 66 -6.92 -2.61 -7.84
N HIS A 67 -5.71 -2.99 -7.42
CA HIS A 67 -4.48 -2.62 -8.17
C HIS A 67 -3.32 -3.58 -7.84
N GLN A 68 -2.57 -3.95 -8.86
CA GLN A 68 -1.38 -4.80 -8.74
C GLN A 68 -0.29 -4.36 -7.72
N HIS A 69 -0.33 -3.12 -7.26
CA HIS A 69 0.63 -2.62 -6.30
C HIS A 69 -0.05 -2.07 -5.09
N ILE A 70 -1.30 -2.48 -4.82
CA ILE A 70 -1.99 -2.11 -3.59
C ILE A 70 -2.45 -3.37 -2.86
N CYS A 71 -2.04 -3.50 -1.61
CA CYS A 71 -2.41 -4.67 -0.82
C CYS A 71 -3.95 -4.82 -0.72
N GLN A 72 -4.45 -5.95 -1.19
CA GLN A 72 -5.89 -6.22 -1.32
C GLN A 72 -6.61 -6.44 0.04
N LEU A 73 -7.74 -5.78 0.22
CA LEU A 73 -8.64 -6.03 1.34
C LEU A 73 -9.56 -7.22 1.02
N TYR A 74 -9.71 -8.14 1.96
CA TYR A 74 -10.53 -9.36 1.74
C TYR A 74 -11.80 -9.45 2.60
N HIS A 75 -11.75 -8.93 3.81
CA HIS A 75 -12.74 -9.24 4.83
C HIS A 75 -12.68 -8.15 5.88
N VAL A 76 -13.84 -7.59 6.22
CA VAL A 76 -13.97 -6.72 7.38
C VAL A 76 -14.93 -7.36 8.35
N LEU A 77 -14.49 -7.52 9.59
CA LEU A 77 -15.33 -8.07 10.66
C LEU A 77 -15.36 -7.07 11.78
N GLU A 78 -16.57 -6.59 12.12
CA GLU A 78 -16.71 -5.76 13.29
C GLU A 78 -17.33 -6.56 14.42
N THR A 79 -16.72 -6.52 15.58
CA THR A 79 -17.32 -7.16 16.77
C THR A 79 -17.65 -6.04 17.78
N ALA A 80 -18.10 -6.42 18.97
CA ALA A 80 -18.41 -5.45 20.03
C ALA A 80 -17.32 -4.40 20.24
N ASN A 81 -16.08 -4.87 20.36
CA ASN A 81 -14.93 -4.04 20.74
C ASN A 81 -13.84 -3.91 19.68
N LYS A 82 -13.91 -4.71 18.60
CA LYS A 82 -12.83 -4.75 17.61
C LYS A 82 -13.36 -4.49 16.21
N ILE A 83 -12.44 -4.04 15.35
CA ILE A 83 -12.57 -4.14 13.91
C ILE A 83 -11.34 -4.92 13.40
N PHE A 84 -11.62 -5.93 12.57
CA PHE A 84 -10.60 -6.81 12.01
C PHE A 84 -10.62 -6.60 10.50
N MET A 85 -9.47 -6.36 9.91
CA MET A 85 -9.38 -6.17 8.46
C MET A 85 -8.43 -7.21 7.94
N VAL A 86 -8.92 -8.10 7.11
CA VAL A 86 -8.11 -9.16 6.54
C VAL A 86 -7.57 -8.72 5.19
N LEU A 87 -6.25 -8.78 5.09
CA LEU A 87 -5.49 -8.24 3.99
C LEU A 87 -4.60 -9.30 3.37
N GLU A 88 -4.28 -9.08 2.10
CA GLU A 88 -3.25 -9.80 1.38
C GLU A 88 -1.96 -9.74 2.20
N TYR A 89 -1.37 -10.91 2.42
CA TYR A 89 -0.12 -11.08 3.14
C TYR A 89 1.08 -10.97 2.17
N CYS A 90 2.07 -10.17 2.56
CA CYS A 90 3.26 -9.87 1.75
C CYS A 90 4.46 -10.47 2.45
N PRO A 91 4.84 -11.73 2.10
CA PRO A 91 5.88 -12.40 2.88
C PRO A 91 7.30 -11.79 2.74
N GLY A 92 7.53 -10.96 1.73
CA GLY A 92 8.82 -10.28 1.59
C GLY A 92 9.11 -9.20 2.63
N GLY A 93 8.09 -8.76 3.35
CA GLY A 93 8.22 -7.77 4.39
C GLY A 93 8.40 -6.36 3.87
N GLU A 94 8.85 -5.49 4.76
CA GLU A 94 8.88 -4.05 4.56
C GLU A 94 10.03 -3.64 3.68
N LEU A 95 9.74 -2.72 2.79
CA LEU A 95 10.81 -2.09 1.98
C LEU A 95 11.92 -1.53 2.90
N PHE A 96 11.54 -0.94 4.01
CA PHE A 96 12.45 -0.38 5.04
C PHE A 96 13.61 -1.33 5.42
N ASP A 97 13.24 -2.56 5.76
CA ASP A 97 14.19 -3.58 6.18
C ASP A 97 15.00 -4.07 4.99
N TYR A 98 14.40 -4.08 3.81
CA TYR A 98 15.16 -4.37 2.60
C TYR A 98 16.29 -3.35 2.32
N ILE A 99 16.02 -2.08 2.58
CA ILE A 99 16.99 -1.00 2.38
C ILE A 99 18.13 -1.09 3.42
N ILE A 100 17.77 -1.41 4.65
CA ILE A 100 18.76 -1.64 5.71
C ILE A 100 19.75 -2.75 5.35
N SER A 101 19.24 -3.88 4.89
CA SER A 101 20.06 -5.03 4.58
C SER A 101 20.98 -4.79 3.41
N GLN A 102 20.53 -4.01 2.43
CA GLN A 102 21.33 -3.69 1.24
C GLN A 102 22.18 -2.46 1.40
N ASP A 103 21.92 -1.69 2.45
CA ASP A 103 22.50 -0.37 2.70
C ASP A 103 21.85 0.72 1.82
N ARG A 104 21.93 0.56 0.50
CA ARG A 104 21.19 1.39 -0.44
C ARG A 104 21.04 0.62 -1.72
N LEU A 105 20.07 0.98 -2.56
CA LEU A 105 19.91 0.31 -3.84
C LEU A 105 20.64 1.07 -4.95
N SER A 106 21.11 0.34 -5.93
CA SER A 106 21.70 0.93 -7.09
C SER A 106 20.57 1.69 -7.79
N GLU A 107 20.94 2.60 -8.67
CA GLU A 107 19.97 3.36 -9.49
CA GLU A 107 19.92 3.34 -9.46
C GLU A 107 19.04 2.42 -10.29
N GLU A 108 19.64 1.32 -10.80
CA GLU A 108 18.88 0.35 -11.63
C GLU A 108 17.80 -0.32 -10.78
N GLU A 109 18.19 -0.80 -9.61
CA GLU A 109 17.19 -1.45 -8.74
C GLU A 109 16.22 -0.45 -8.09
N THR A 110 16.68 0.75 -7.77
CA THR A 110 15.78 1.79 -7.28
C THR A 110 14.68 2.07 -8.30
N ARG A 111 15.06 2.15 -9.58
CA ARG A 111 14.09 2.42 -10.63
C ARG A 111 13.00 1.35 -10.63
N VAL A 112 13.43 0.10 -10.64
CA VAL A 112 12.50 -1.05 -10.63
C VAL A 112 11.49 -0.88 -9.51
N VAL A 113 11.98 -0.58 -8.34
CA VAL A 113 11.13 -0.42 -7.16
C VAL A 113 10.28 0.83 -7.22
N PHE A 114 10.88 1.92 -7.63
CA PHE A 114 10.23 3.22 -7.64
C PHE A 114 9.11 3.34 -8.68
N ARG A 115 9.26 2.69 -9.82
CA ARG A 115 8.20 2.68 -10.80
C ARG A 115 6.97 1.95 -10.24
N GLN A 116 7.16 1.00 -9.36
CA GLN A 116 6.01 0.35 -8.74
C GLN A 116 5.27 1.29 -7.75
N ILE A 117 6.03 2.06 -7.02
CA ILE A 117 5.50 3.02 -6.06
C ILE A 117 4.73 4.09 -6.81
N VAL A 118 5.31 4.60 -7.90
CA VAL A 118 4.64 5.65 -8.67
C VAL A 118 3.35 5.08 -9.30
N SER A 119 3.44 3.83 -9.80
CA SER A 119 2.25 3.14 -10.27
C SER A 119 1.10 3.11 -9.25
N ALA A 120 1.39 2.64 -8.03
CA ALA A 120 0.38 2.58 -6.97
C ALA A 120 -0.21 3.97 -6.65
N VAL A 121 0.67 4.94 -6.47
CA VAL A 121 0.23 6.29 -6.03
C VAL A 121 -0.55 7.04 -7.13
N ALA A 122 -0.07 6.94 -8.37
CA ALA A 122 -0.77 7.61 -9.47
C ALA A 122 -2.18 7.02 -9.61
N TYR A 123 -2.29 5.70 -9.47
CA TYR A 123 -3.62 5.06 -9.42
C TYR A 123 -4.50 5.55 -8.27
N VAL A 124 -3.95 5.59 -7.07
CA VAL A 124 -4.65 6.15 -5.89
C VAL A 124 -5.23 7.55 -6.21
N HIS A 125 -4.38 8.40 -6.80
CA HIS A 125 -4.80 9.73 -7.24
C HIS A 125 -5.86 9.65 -8.36
N SER A 126 -5.70 8.69 -9.27
CA SER A 126 -6.64 8.55 -10.41
C SER A 126 -8.02 8.22 -9.92
N GLN A 127 -8.07 7.54 -8.77
CA GLN A 127 -9.30 7.22 -8.09
C GLN A 127 -9.82 8.30 -7.15
N GLY A 128 -9.17 9.46 -7.13
CA GLY A 128 -9.59 10.59 -6.29
C GLY A 128 -9.09 10.63 -4.85
N TYR A 129 -8.01 9.91 -4.51
CA TYR A 129 -7.44 9.96 -3.14
C TYR A 129 -6.00 10.43 -3.11
N ALA A 130 -5.54 10.80 -1.91
CA ALA A 130 -4.12 10.96 -1.62
C ALA A 130 -3.82 10.02 -0.46
N HIS A 131 -2.60 9.45 -0.46
CA HIS A 131 -2.21 8.48 0.57
C HIS A 131 -1.83 9.18 1.88
N ARG A 132 -0.91 10.13 1.77
CA ARG A 132 -0.52 11.05 2.83
C ARG A 132 0.40 10.47 3.94
N ASP A 133 0.73 9.20 3.88
CA ASP A 133 1.78 8.63 4.73
C ASP A 133 2.70 7.67 3.98
N LEU A 134 3.24 8.15 2.87
CA LEU A 134 4.11 7.30 2.06
C LEU A 134 5.47 7.26 2.68
N LYS A 135 5.90 6.05 3.05
CA LYS A 135 7.23 5.83 3.63
C LYS A 135 7.52 4.33 3.50
N PRO A 136 8.76 3.87 3.80
CA PRO A 136 9.13 2.49 3.46
C PRO A 136 8.53 1.44 4.37
N GLU A 137 8.03 1.85 5.53
CA GLU A 137 7.26 0.94 6.38
C GLU A 137 5.90 0.64 5.80
N ASN A 138 5.42 1.49 4.87
CA ASN A 138 4.10 1.33 4.25
C ASN A 138 4.11 0.73 2.85
N LEU A 139 5.23 0.07 2.53
CA LEU A 139 5.43 -0.58 1.27
C LEU A 139 6.07 -1.95 1.56
N LEU A 140 5.43 -3.00 1.05
CA LEU A 140 5.79 -4.38 1.33
C LEU A 140 6.09 -5.14 0.07
N PHE A 141 6.93 -6.16 0.19
CA PHE A 141 7.23 -7.04 -0.92
C PHE A 141 6.34 -8.28 -0.79
N ASP A 142 5.70 -8.64 -1.89
CA ASP A 142 4.89 -9.84 -1.93
C ASP A 142 5.78 -11.04 -2.32
N GLU A 143 5.14 -12.20 -2.50
CA GLU A 143 5.78 -13.47 -2.92
C GLU A 143 6.75 -13.37 -4.12
N TYR A 144 6.40 -12.54 -5.11
CA TYR A 144 7.16 -12.36 -6.35
C TYR A 144 8.18 -11.20 -6.28
N HIS A 145 8.40 -10.68 -5.08
CA HIS A 145 9.19 -9.49 -4.83
C HIS A 145 8.62 -8.27 -5.60
N LYS A 146 7.29 -8.16 -5.67
CA LYS A 146 6.65 -6.95 -6.19
C LYS A 146 6.17 -6.16 -4.97
N LEU A 147 6.15 -4.84 -5.10
CA LEU A 147 5.73 -3.94 -4.01
C LEU A 147 4.22 -3.81 -3.90
N LYS A 148 3.75 -3.67 -2.68
CA LYS A 148 2.37 -3.49 -2.36
C LYS A 148 2.31 -2.37 -1.34
N LEU A 149 1.48 -1.37 -1.65
CA LEU A 149 1.25 -0.24 -0.77
C LEU A 149 0.16 -0.59 0.26
N ILE A 150 0.39 -0.19 1.50
CA ILE A 150 -0.55 -0.44 2.59
C ILE A 150 -0.85 0.84 3.32
N ASP A 151 -1.77 0.73 4.26
CA ASP A 151 -2.01 1.70 5.32
C ASP A 151 -2.60 2.99 4.80
N PHE A 152 -3.92 2.93 4.60
CA PHE A 152 -4.70 4.05 4.10
C PHE A 152 -5.43 4.80 5.24
N GLY A 153 -4.95 4.63 6.49
CA GLY A 153 -5.51 5.32 7.66
C GLY A 153 -5.50 6.85 7.66
N LEU A 154 -4.60 7.46 6.87
CA LEU A 154 -4.51 8.94 6.72
C LEU A 154 -4.88 9.42 5.31
N CYS A 155 -5.46 8.54 4.50
CA CYS A 155 -5.73 8.91 3.11
C CYS A 155 -6.95 9.85 3.11
N ALA A 156 -7.05 10.71 2.10
CA ALA A 156 -8.09 11.74 2.01
C ALA A 156 -8.71 11.71 0.62
N SER A 172 6.73 9.61 9.84
CA SER A 172 5.78 10.58 9.34
C SER A 172 6.40 11.95 9.02
N LEU A 173 6.86 12.71 10.03
CA LEU A 173 7.37 14.09 9.76
C LEU A 173 8.45 14.20 8.69
N ALA A 174 9.39 13.25 8.71
CA ALA A 174 10.49 13.20 7.76
C ALA A 174 10.03 13.13 6.31
N TYR A 175 8.85 12.58 6.10
CA TYR A 175 8.30 12.38 4.74
C TYR A 175 7.26 13.43 4.35
N ALA A 176 6.94 14.35 5.27
CA ALA A 176 5.84 15.29 5.08
C ALA A 176 6.29 16.51 4.34
N ALA A 177 5.47 16.93 3.37
CA ALA A 177 5.78 18.05 2.50
C ALA A 177 5.66 19.34 3.30
N PRO A 178 6.39 20.38 2.89
CA PRO A 178 6.39 21.70 3.57
C PRO A 178 5.02 22.34 3.63
N GLU A 179 4.27 22.30 2.53
CA GLU A 179 2.92 22.88 2.48
C GLU A 179 1.93 22.16 3.39
N LEU A 180 2.07 20.83 3.51
CA LEU A 180 1.23 20.01 4.39
C LEU A 180 1.54 20.29 5.86
N ILE A 181 2.83 20.40 6.18
CA ILE A 181 3.33 20.89 7.48
C ILE A 181 2.67 22.23 7.82
N GLN A 182 2.66 23.16 6.87
CA GLN A 182 2.13 24.50 7.12
C GLN A 182 0.61 24.62 7.01
N GLY A 183 -0.10 23.50 6.96
CA GLY A 183 -1.56 23.49 6.93
C GLY A 183 -2.20 24.12 5.69
N LYS A 184 -1.48 24.16 4.57
CA LYS A 184 -1.91 24.88 3.36
C LYS A 184 -2.37 23.90 2.29
N LEU A 187 -3.61 20.49 -1.05
CA LEU A 187 -2.74 20.21 -2.18
C LEU A 187 -2.14 18.80 -2.05
N GLY A 188 -3.05 17.82 -2.04
CA GLY A 188 -2.74 16.42 -1.69
C GLY A 188 -1.93 15.63 -2.70
N SER A 189 -2.22 15.84 -3.99
CA SER A 189 -1.42 15.26 -5.05
C SER A 189 0.06 15.65 -4.90
N GLU A 190 0.32 16.96 -4.91
CA GLU A 190 1.66 17.55 -4.84
CA GLU A 190 1.70 17.45 -4.91
C GLU A 190 2.39 17.08 -3.60
N ALA A 191 1.66 16.99 -2.49
CA ALA A 191 2.29 16.51 -1.24
C ALA A 191 2.77 15.04 -1.33
N ASP A 192 2.05 14.19 -2.05
CA ASP A 192 2.45 12.78 -2.24
C ASP A 192 3.70 12.68 -3.13
N VAL A 193 3.85 13.60 -4.07
CA VAL A 193 5.06 13.69 -4.89
C VAL A 193 6.29 14.04 -4.04
N TRP A 194 6.12 14.98 -3.11
CA TRP A 194 7.21 15.31 -2.21
C TRP A 194 7.63 14.04 -1.45
N SER A 195 6.67 13.35 -0.86
CA SER A 195 6.94 12.13 -0.10
C SER A 195 7.66 11.05 -0.94
N MET A 196 7.22 10.90 -2.17
CA MET A 196 7.89 10.00 -3.13
C MET A 196 9.33 10.41 -3.40
N GLY A 197 9.60 11.72 -3.44
CA GLY A 197 10.97 12.26 -3.51
C GLY A 197 11.82 11.91 -2.30
N ILE A 198 11.22 11.91 -1.12
CA ILE A 198 11.94 11.52 0.09
C ILE A 198 12.25 10.02 -0.02
N LEU A 199 11.25 9.24 -0.43
CA LEU A 199 11.46 7.82 -0.68
C LEU A 199 12.53 7.52 -1.73
N LEU A 200 12.51 8.24 -2.83
CA LEU A 200 13.54 8.06 -3.86
C LEU A 200 14.91 8.29 -3.28
N TYR A 201 15.05 9.36 -2.50
CA TYR A 201 16.29 9.71 -1.84
C TYR A 201 16.75 8.55 -0.92
N VAL A 202 15.86 8.08 -0.06
CA VAL A 202 16.18 7.00 0.86
C VAL A 202 16.60 5.71 0.14
N LEU A 203 15.90 5.36 -0.92
CA LEU A 203 16.28 4.18 -1.76
C LEU A 203 17.71 4.25 -2.30
N MET A 204 18.07 5.41 -2.84
CA MET A 204 19.36 5.61 -3.48
C MET A 204 20.46 5.97 -2.49
N CYS A 205 20.11 6.52 -1.31
CA CYS A 205 21.12 6.99 -0.38
C CYS A 205 21.24 6.22 0.91
N GLY A 206 20.14 5.61 1.35
CA GLY A 206 20.07 4.83 2.59
C GLY A 206 19.95 5.63 3.87
N PHE A 207 19.65 6.92 3.76
CA PHE A 207 19.34 7.77 4.89
C PHE A 207 18.41 8.87 4.40
N LEU A 208 17.81 9.57 5.33
CA LEU A 208 16.88 10.63 5.02
C LEU A 208 17.56 11.90 4.53
N PRO A 209 16.92 12.64 3.60
CA PRO A 209 17.50 13.91 3.19
C PRO A 209 17.39 14.99 4.27
N PHE A 210 16.32 14.92 5.07
CA PHE A 210 16.12 15.83 6.20
C PHE A 210 15.90 15.05 7.43
N ASP A 211 16.77 15.22 8.43
CA ASP A 211 16.65 14.47 9.66
C ASP A 211 17.25 15.26 10.83
N ASP A 212 16.63 15.13 11.98
CA ASP A 212 17.11 15.78 13.18
C ASP A 212 16.42 15.20 14.39
N ASP A 213 17.13 15.22 15.52
CA ASP A 213 16.57 14.79 16.80
C ASP A 213 15.44 15.69 17.25
N ASN A 214 15.57 16.97 16.96
CA ASN A 214 14.66 17.99 17.44
C ASN A 214 13.72 18.22 16.29
N VAL A 215 12.44 18.03 16.56
CA VAL A 215 11.35 18.16 15.59
C VAL A 215 11.30 19.54 14.92
N MET A 216 11.45 20.63 15.68
CA MET A 216 11.39 21.96 15.05
C MET A 216 12.57 22.22 14.13
N ALA A 217 13.73 21.67 14.48
CA ALA A 217 14.91 21.76 13.65
C ALA A 217 14.70 20.94 12.36
N LEU A 218 14.01 19.82 12.46
CA LEU A 218 13.65 19.02 11.29
C LEU A 218 12.74 19.85 10.39
N TYR A 219 11.75 20.48 10.98
CA TYR A 219 10.87 21.39 10.24
C TYR A 219 11.65 22.41 9.48
N LYS A 220 12.56 23.09 10.16
CA LYS A 220 13.40 24.11 9.55
C LYS A 220 14.10 23.53 8.33
N LYS A 221 14.71 22.36 8.47
CA LYS A 221 15.47 21.77 7.34
C LYS A 221 14.58 21.42 6.13
N ILE A 222 13.38 20.94 6.42
CA ILE A 222 12.39 20.70 5.37
C ILE A 222 12.03 22.00 4.63
N MET A 223 11.69 23.05 5.39
CA MET A 223 11.34 24.37 4.81
C MET A 223 12.47 24.98 3.99
N ARG A 224 13.71 24.78 4.42
CA ARG A 224 14.86 25.23 3.64
C ARG A 224 15.08 24.42 2.35
N GLY A 225 14.74 23.15 2.38
CA GLY A 225 14.90 22.29 1.21
C GLY A 225 16.32 21.90 0.84
N LYS A 226 17.33 22.13 1.70
CA LYS A 226 18.70 21.81 1.33
C LYS A 226 19.02 20.44 1.88
N TYR A 227 19.72 19.65 1.09
CA TYR A 227 20.07 18.29 1.51
C TYR A 227 21.40 17.89 0.90
N ASP A 228 22.02 16.89 1.51
CA ASP A 228 23.29 16.32 1.03
C ASP A 228 23.08 15.63 -0.30
N VAL A 229 23.96 15.87 -1.27
CA VAL A 229 23.93 15.11 -2.50
C VAL A 229 25.12 14.17 -2.49
N PRO A 230 24.92 12.86 -2.17
CA PRO A 230 26.06 11.93 -2.17
C PRO A 230 26.80 11.73 -3.50
N LYS A 231 28.05 11.31 -3.39
CA LYS A 231 28.92 11.12 -4.54
C LYS A 231 28.50 10.05 -5.55
N TRP A 232 27.72 9.07 -5.13
CA TRP A 232 27.32 7.95 -6.01
C TRP A 232 26.10 8.28 -6.89
N LEU A 233 25.38 9.36 -6.60
CA LEU A 233 24.24 9.75 -7.44
C LEU A 233 24.65 10.29 -8.84
N SER A 234 23.97 9.76 -9.85
CA SER A 234 24.13 10.22 -11.24
C SER A 234 23.49 11.59 -11.42
N PRO A 235 23.94 12.36 -12.43
CA PRO A 235 23.33 13.68 -12.67
C PRO A 235 21.81 13.65 -12.91
N SER A 236 21.33 12.65 -13.63
CA SER A 236 19.89 12.52 -13.90
C SER A 236 19.10 12.25 -12.60
N SER A 237 19.63 11.43 -11.70
CA SER A 237 19.00 11.18 -10.40
CA SER A 237 18.97 11.19 -10.42
C SER A 237 18.91 12.47 -9.58
N ILE A 238 19.98 13.23 -9.61
CA ILE A 238 20.13 14.46 -8.88
C ILE A 238 19.12 15.47 -9.38
N LEU A 239 18.99 15.58 -10.70
CA LEU A 239 17.93 16.41 -11.29
C LEU A 239 16.53 15.98 -10.86
N LEU A 240 16.23 14.69 -10.92
CA LEU A 240 14.89 14.25 -10.56
C LEU A 240 14.60 14.59 -9.09
N LEU A 241 15.60 14.37 -8.24
CA LEU A 241 15.44 14.68 -6.79
C LEU A 241 15.13 16.17 -6.60
N GLN A 242 15.88 17.00 -7.30
CA GLN A 242 15.67 18.45 -7.30
C GLN A 242 14.25 18.84 -7.71
N GLN A 243 13.72 18.16 -8.72
CA GLN A 243 12.36 18.43 -9.20
C GLN A 243 11.24 17.94 -8.27
N MET A 244 11.46 16.80 -7.60
CA MET A 244 10.50 16.28 -6.65
C MET A 244 10.53 17.01 -5.30
N LEU A 245 11.71 17.49 -4.92
CA LEU A 245 11.89 18.11 -3.62
C LEU A 245 11.91 19.64 -3.67
N GLN A 246 11.14 20.23 -4.57
CA GLN A 246 10.85 21.66 -4.56
C GLN A 246 9.92 21.98 -3.39
N VAL A 247 10.36 22.93 -2.55
CA VAL A 247 9.56 23.34 -1.40
C VAL A 247 8.25 24.00 -1.82
N ASP A 248 8.27 24.77 -2.90
CA ASP A 248 7.06 25.35 -3.45
C ASP A 248 6.36 24.29 -4.29
N PRO A 249 5.12 23.89 -3.93
CA PRO A 249 4.46 22.86 -4.75
C PRO A 249 4.18 23.25 -6.19
N LYS A 250 4.15 24.55 -6.47
CA LYS A 250 3.92 25.05 -7.82
C LYS A 250 5.12 24.77 -8.70
N LYS A 251 6.32 24.79 -8.12
CA LYS A 251 7.54 24.48 -8.87
C LYS A 251 7.84 22.97 -8.91
N ARG A 252 7.22 22.19 -8.05
CA ARG A 252 7.50 20.76 -7.96
C ARG A 252 6.99 20.05 -9.20
N ILE A 253 7.73 19.06 -9.67
CA ILE A 253 7.21 18.21 -10.75
C ILE A 253 5.81 17.65 -10.41
N SER A 254 4.88 17.69 -11.37
CA SER A 254 3.55 17.14 -11.15
C SER A 254 3.63 15.65 -11.37
N MET A 255 2.65 14.94 -10.84
CA MET A 255 2.53 13.51 -11.06
C MET A 255 2.59 13.11 -12.55
N LYS A 256 1.92 13.91 -13.39
CA LYS A 256 1.83 13.67 -14.83
C LYS A 256 3.23 13.50 -15.41
N ASN A 257 4.08 14.48 -15.12
CA ASN A 257 5.43 14.53 -15.66
C ASN A 257 6.40 13.62 -14.97
N LEU A 258 6.03 13.09 -13.80
CA LEU A 258 6.82 12.09 -13.17
C LEU A 258 6.69 10.80 -13.95
N LEU A 259 5.50 10.50 -14.46
CA LEU A 259 5.25 9.18 -15.08
C LEU A 259 6.14 8.91 -16.29
N ASN A 260 6.54 9.94 -17.00
CA ASN A 260 7.43 9.78 -18.18
C ASN A 260 8.75 10.55 -18.08
N HIS A 261 9.21 10.79 -16.86
CA HIS A 261 10.43 11.52 -16.67
C HIS A 261 11.59 10.71 -17.23
N PRO A 262 12.58 11.37 -17.88
CA PRO A 262 13.68 10.63 -18.48
C PRO A 262 14.41 9.65 -17.58
N TRP A 263 14.71 10.08 -16.35
CA TRP A 263 15.25 9.17 -15.36
C TRP A 263 14.35 7.93 -15.18
N ILE A 264 13.05 8.15 -15.02
CA ILE A 264 12.05 7.06 -14.84
C ILE A 264 12.04 6.12 -16.05
N MET A 265 12.17 6.74 -17.24
CA MET A 265 12.07 6.05 -18.54
C MET A 265 13.32 5.23 -18.91
N GLN A 266 14.45 5.54 -18.30
CA GLN A 266 15.72 4.84 -18.57
C GLN A 266 15.56 3.31 -18.42
N ASP A 267 15.98 2.58 -19.46
CA ASP A 267 15.88 1.11 -19.56
C ASP A 267 14.50 0.53 -19.79
N TYR A 268 13.46 1.37 -19.76
CA TYR A 268 12.10 0.93 -20.00
C TYR A 268 11.57 1.51 -21.30
N ASN A 269 11.71 2.83 -21.47
CA ASN A 269 11.33 3.54 -22.69
C ASN A 269 9.82 3.65 -22.87
N TYR A 270 9.06 3.44 -21.80
CA TYR A 270 7.65 3.74 -21.78
C TYR A 270 7.32 4.28 -20.39
N PRO A 271 6.32 5.15 -20.28
CA PRO A 271 6.01 5.73 -18.97
C PRO A 271 5.46 4.69 -17.98
N VAL A 272 5.43 5.07 -16.71
CA VAL A 272 4.92 4.18 -15.66
C VAL A 272 3.52 3.71 -16.00
N GLU A 273 3.33 2.40 -15.97
CA GLU A 273 2.01 1.81 -16.13
C GLU A 273 1.17 1.84 -14.82
N TRP A 274 0.34 2.85 -14.67
CA TRP A 274 -0.37 3.13 -13.39
C TRP A 274 -1.78 2.51 -13.34
N GLN A 275 -2.38 2.27 -14.50
CA GLN A 275 -3.77 1.73 -14.54
C GLN A 275 -3.78 0.36 -13.93
N SER A 276 -4.86 0.05 -13.23
CA SER A 276 -5.07 -1.28 -12.71
C SER A 276 -5.01 -2.37 -13.81
N LYS A 277 -4.22 -3.41 -13.60
CA LYS A 277 -4.17 -4.54 -14.53
C LYS A 277 -5.17 -5.65 -14.15
N ASN A 278 -5.78 -5.55 -12.97
CA ASN A 278 -6.59 -6.64 -12.39
C ASN A 278 -7.97 -6.15 -11.93
N PRO A 279 -8.64 -5.32 -12.76
CA PRO A 279 -9.86 -4.67 -12.25
C PRO A 279 -11.04 -5.64 -12.12
N PHE A 280 -11.94 -5.40 -11.17
CA PHE A 280 -13.15 -6.24 -11.03
C PHE A 280 -14.13 -5.88 -12.14
N ILE A 281 -14.25 -6.76 -13.15
CA ILE A 281 -15.24 -6.58 -14.21
C ILE A 281 -16.44 -7.51 -13.98
N HIS A 282 -16.36 -8.76 -14.42
CA HIS A 282 -17.42 -9.76 -14.13
C HIS A 282 -16.86 -10.82 -13.19
N LEU A 283 -17.75 -11.56 -12.52
CA LEU A 283 -17.31 -12.58 -11.57
C LEU A 283 -16.56 -13.68 -12.29
N ASP A 284 -15.56 -14.25 -11.65
CA ASP A 284 -14.81 -15.37 -12.24
C ASP A 284 -15.60 -16.67 -12.13
N ASP A 285 -16.02 -17.19 -13.29
CA ASP A 285 -16.88 -18.40 -13.34
C ASP A 285 -16.39 -19.56 -12.48
N ASP A 286 -15.07 -19.77 -12.49
CA ASP A 286 -14.46 -20.93 -11.85
C ASP A 286 -14.48 -20.82 -10.32
N CYS A 287 -14.26 -19.61 -9.81
CA CYS A 287 -14.35 -19.33 -8.37
C CYS A 287 -15.80 -19.48 -7.90
N VAL A 288 -16.74 -18.91 -8.67
CA VAL A 288 -18.19 -19.05 -8.39
C VAL A 288 -18.60 -20.53 -8.37
N THR A 289 -18.19 -21.25 -9.40
CA THR A 289 -18.47 -22.67 -9.53
C THR A 289 -17.90 -23.45 -8.38
N GLU A 290 -16.65 -23.18 -8.04
CA GLU A 290 -16.05 -23.86 -6.87
C GLU A 290 -16.79 -23.60 -5.54
N LEU A 291 -17.28 -22.38 -5.34
CA LEU A 291 -17.96 -22.03 -4.09
C LEU A 291 -19.29 -22.79 -3.99
N SER A 292 -20.05 -22.70 -5.07
CA SER A 292 -21.37 -23.33 -5.16
C SER A 292 -21.30 -24.83 -4.97
N VAL A 293 -20.32 -25.44 -5.62
CA VAL A 293 -20.03 -26.88 -5.46
C VAL A 293 -19.59 -27.21 -4.03
N HIS A 294 -18.69 -26.40 -3.49
CA HIS A 294 -18.22 -26.60 -2.14
C HIS A 294 -19.34 -26.41 -1.11
N HIS A 295 -20.14 -25.35 -1.27
CA HIS A 295 -21.19 -25.06 -0.27
C HIS A 295 -22.48 -25.85 -0.52
N ARG A 296 -22.51 -26.61 -1.63
CA ARG A 296 -23.70 -27.32 -2.08
C ARG A 296 -24.89 -26.39 -2.15
N ASN A 297 -24.66 -25.26 -2.83
CA ASN A 297 -25.65 -24.22 -3.03
C ASN A 297 -25.84 -24.06 -4.50
N ASN A 298 -27.06 -23.65 -4.84
CA ASN A 298 -27.49 -23.25 -6.17
C ASN A 298 -26.49 -22.22 -6.75
N ARG A 299 -26.02 -22.46 -7.97
CA ARG A 299 -24.99 -21.57 -8.56
C ARG A 299 -25.43 -20.11 -8.67
N GLN A 300 -26.72 -19.88 -8.96
CA GLN A 300 -27.24 -18.53 -9.16
C GLN A 300 -27.39 -17.77 -7.86
N THR A 301 -27.89 -18.43 -6.82
CA THR A 301 -27.89 -17.81 -5.49
C THR A 301 -26.48 -17.38 -5.07
N MET A 302 -25.51 -18.26 -5.33
CA MET A 302 -24.11 -17.99 -5.00
C MET A 302 -23.59 -16.74 -5.73
N GLU A 303 -23.79 -16.68 -7.05
CA GLU A 303 -23.49 -15.46 -7.82
C GLU A 303 -24.08 -14.21 -7.19
N ASP A 304 -25.37 -14.29 -6.87
CA ASP A 304 -26.12 -13.18 -6.31
C ASP A 304 -25.56 -12.76 -4.98
N LEU A 305 -25.24 -13.77 -4.15
CA LEU A 305 -24.68 -13.50 -2.81
C LEU A 305 -23.27 -12.95 -2.89
N ILE A 306 -22.44 -13.51 -3.77
CA ILE A 306 -21.09 -12.91 -4.00
C ILE A 306 -21.20 -11.47 -4.50
N SER A 307 -22.16 -11.22 -5.39
CA SER A 307 -22.40 -9.88 -5.95
C SER A 307 -22.84 -8.81 -4.97
N LEU A 308 -23.31 -9.18 -3.79
CA LEU A 308 -23.54 -8.19 -2.73
C LEU A 308 -22.24 -7.53 -2.25
N TRP A 309 -21.10 -8.19 -2.40
CA TRP A 309 -19.79 -7.56 -2.09
C TRP A 309 -19.75 -6.97 -0.70
N GLN A 310 -20.18 -7.74 0.28
CA GLN A 310 -20.27 -7.28 1.66
C GLN A 310 -18.92 -7.21 2.36
N TYR A 311 -17.88 -7.82 1.80
CA TYR A 311 -16.57 -7.95 2.50
C TYR A 311 -16.74 -8.77 3.78
N ASP A 312 -17.54 -9.83 3.66
CA ASP A 312 -17.81 -10.78 4.74
C ASP A 312 -17.01 -12.03 4.35
N HIS A 313 -17.27 -13.16 4.98
CA HIS A 313 -16.48 -14.35 4.72
C HIS A 313 -16.61 -14.89 3.31
N LEU A 314 -17.81 -14.75 2.71
CA LEU A 314 -17.99 -15.17 1.33
C LEU A 314 -17.13 -14.33 0.36
N THR A 315 -17.09 -13.03 0.56
CA THR A 315 -16.21 -12.18 -0.28
C THR A 315 -14.74 -12.58 -0.13
N ALA A 316 -14.33 -12.84 1.11
CA ALA A 316 -12.95 -13.22 1.42
C ALA A 316 -12.58 -14.48 0.70
N THR A 317 -13.46 -15.47 0.81
CA THR A 317 -13.26 -16.74 0.13
C THR A 317 -13.19 -16.56 -1.39
N TYR A 318 -14.13 -15.81 -1.96
CA TYR A 318 -14.09 -15.52 -3.40
C TYR A 318 -12.77 -14.85 -3.82
N LEU A 319 -12.43 -13.74 -3.17
CA LEU A 319 -11.18 -13.02 -3.46
C LEU A 319 -9.91 -13.85 -3.27
N LEU A 320 -9.88 -14.71 -2.26
CA LEU A 320 -8.71 -15.54 -2.05
C LEU A 320 -8.62 -16.64 -3.10
N LEU A 321 -9.75 -17.12 -3.60
CA LEU A 321 -9.76 -17.98 -4.78
C LEU A 321 -9.27 -17.26 -6.04
N LEU A 322 -9.71 -16.01 -6.27
CA LEU A 322 -9.20 -15.20 -7.37
C LEU A 322 -7.69 -15.05 -7.29
N ALA A 323 -7.17 -14.93 -6.07
CA ALA A 323 -5.73 -14.72 -5.85
C ALA A 323 -4.94 -15.96 -6.18
N LYS A 324 -5.51 -17.13 -5.88
CA LYS A 324 -4.92 -18.40 -6.31
C LYS A 324 -4.78 -18.44 -7.84
N LYS A 325 -5.87 -18.07 -8.52
CA LYS A 325 -5.92 -18.10 -9.96
C LYS A 325 -4.82 -17.22 -10.54
N ALA A 326 -4.65 -16.02 -9.99
CA ALA A 326 -3.67 -15.06 -10.51
C ALA A 326 -2.21 -15.44 -10.19
N ARG A 327 -2.03 -16.33 -9.22
CA ARG A 327 -0.72 -16.95 -8.92
C ARG A 327 -0.57 -18.33 -9.56
N GLY A 328 -1.46 -18.68 -10.49
CA GLY A 328 -1.40 -19.96 -11.20
C GLY A 328 -1.59 -21.19 -10.33
N LYS A 329 -2.43 -21.06 -9.31
CA LYS A 329 -2.74 -22.18 -8.44
C LYS A 329 -4.15 -22.58 -8.75
N PRO A 330 -4.46 -23.86 -8.56
CA PRO A 330 -5.81 -24.32 -8.88
C PRO A 330 -6.88 -23.67 -7.99
N VAL A 331 -8.01 -23.32 -8.59
CA VAL A 331 -9.11 -22.71 -7.85
C VAL A 331 -9.81 -23.85 -7.10
N ARG A 332 -9.44 -24.08 -5.84
CA ARG A 332 -9.92 -25.23 -5.06
C ARG A 332 -9.96 -25.03 -3.53
N LEU A 333 -11.08 -25.44 -2.91
CA LEU A 333 -11.37 -25.21 -1.48
C LEU A 333 -11.14 -26.46 -0.63
N ARG A 334 -10.70 -26.26 0.62
CA ARG A 334 -10.42 -27.34 1.58
C ARG A 334 -10.75 -26.91 2.99
#